data_2XYG
#
_entry.id   2XYG
#
_cell.length_a   68.799
_cell.length_b   83.538
_cell.length_c   96.147
_cell.angle_alpha   90.00
_cell.angle_beta   90.00
_cell.angle_gamma   90.00
#
_symmetry.space_group_name_H-M   'I 2 2 2'
#
loop_
_entity.id
_entity.type
_entity.pdbx_description
1 polymer 'CASPASE-3 SUBUNIT P17'
2 polymer 'CASPASE-3 SUBUNIT P12'
3 non-polymer N-[(2S)-4-chloro-3-oxo-1-phenyl-butan-2-yl]-4-methyl-benzenesulfonamide
4 water water
#
loop_
_entity_poly.entity_id
_entity_poly.type
_entity_poly.pdbx_seq_one_letter_code
_entity_poly.pdbx_strand_id
1 'polypeptide(L)'
;SGISLDNSYKMDYPEMGLCIIINNKNFHKSTGMTSRSGTDVDAANLRETFRNLKYEVRNKNDLTREEIVELMRDVSKEDH
SKRSSFVCVLLSHGEEGIIFGTNGPVDLKKITNFFRGDRCRSLTGKPKLFIIQACRGTELDCGIET
;
A
2 'polypeptide(L)'
;HKIPVEADFLYAYSTAPGYYSWRNSKDGSWFIQSLCAMLKQYADKLEFMHILTRVNRKVATEFESFSFDATFHAKKQIPC
IVSMLTKELYFYH
;
B
#
loop_
_chem_comp.id
_chem_comp.type
_chem_comp.name
_chem_comp.formula
TQ8 non-polymer N-[(2S)-4-chloro-3-oxo-1-phenyl-butan-2-yl]-4-methyl-benzenesulfonamide 'C17 H18 Cl N O3 S'
#
# COMPACT_ATOMS: atom_id res chain seq x y z
N SER A 1 14.32 33.00 -14.24
CA SER A 1 13.40 32.26 -15.15
C SER A 1 11.96 32.73 -14.98
N GLY A 2 11.04 32.08 -15.68
CA GLY A 2 9.64 32.46 -15.59
C GLY A 2 9.00 32.05 -14.27
N ILE A 3 7.71 32.31 -14.16
CA ILE A 3 6.96 31.97 -12.94
C ILE A 3 7.14 30.50 -12.58
N SER A 4 7.49 30.26 -11.32
CA SER A 4 7.71 28.91 -10.84
C SER A 4 6.67 28.51 -9.79
N LEU A 5 5.93 27.46 -10.08
CA LEU A 5 4.90 26.96 -9.17
C LEU A 5 5.31 25.56 -8.70
N ASP A 6 5.36 25.36 -7.39
CA ASP A 6 5.73 24.07 -6.85
C ASP A 6 4.49 23.32 -6.37
N ASN A 7 3.62 22.95 -7.31
CA ASN A 7 2.40 22.25 -6.97
C ASN A 7 2.52 20.73 -7.06
N SER A 8 3.62 20.25 -7.64
CA SER A 8 3.82 18.82 -7.77
C SER A 8 5.20 18.40 -7.28
N TYR A 9 5.28 17.20 -6.70
CA TYR A 9 6.54 16.67 -6.20
C TYR A 9 7.55 16.52 -7.32
N LYS A 10 8.81 16.78 -7.01
CA LYS A 10 9.88 16.62 -7.98
C LYS A 10 10.10 15.11 -8.14
N MET A 11 9.75 14.58 -9.30
CA MET A 11 9.88 13.15 -9.52
C MET A 11 10.90 12.82 -10.61
N ASP A 12 11.83 13.75 -10.85
CA ASP A 12 12.84 13.53 -11.87
C ASP A 12 14.24 13.28 -11.30
N TYR A 13 14.29 12.78 -10.06
CA TYR A 13 15.57 12.45 -9.45
C TYR A 13 16.10 11.29 -10.28
N PRO A 14 17.40 10.98 -10.16
CA PRO A 14 17.98 9.88 -10.93
C PRO A 14 17.21 8.57 -10.80
N GLU A 15 16.65 8.33 -9.62
CA GLU A 15 15.90 7.10 -9.35
C GLU A 15 14.51 7.45 -8.84
N MET A 16 13.52 6.63 -9.21
CA MET A 16 12.17 6.85 -8.73
C MET A 16 12.13 6.48 -7.25
N GLY A 17 12.90 5.47 -6.89
CA GLY A 17 12.97 5.04 -5.50
C GLY A 17 12.72 3.55 -5.31
N LEU A 18 12.73 3.12 -4.05
CA LEU A 18 12.50 1.71 -3.74
C LEU A 18 11.02 1.38 -3.61
N CYS A 19 10.68 0.13 -3.90
CA CYS A 19 9.32 -0.37 -3.74
C CYS A 19 9.51 -1.68 -2.98
N ILE A 20 9.27 -1.63 -1.68
CA ILE A 20 9.41 -2.82 -0.84
C ILE A 20 8.08 -3.55 -0.74
N ILE A 21 8.05 -4.81 -1.18
CA ILE A 21 6.82 -5.59 -1.13
C ILE A 21 6.97 -6.72 -0.11
N ILE A 22 6.18 -6.68 0.96
CA ILE A 22 6.22 -7.72 1.98
C ILE A 22 4.99 -8.58 1.79
N ASN A 23 5.23 -9.83 1.40
CA ASN A 23 4.16 -10.78 1.11
C ASN A 23 4.13 -11.93 2.11
N ASN A 24 3.20 -11.87 3.06
CA ASN A 24 3.07 -12.92 4.06
C ASN A 24 1.90 -13.84 3.77
N LYS A 25 2.22 -15.10 3.49
CA LYS A 25 1.22 -16.11 3.14
C LYS A 25 1.06 -17.19 4.20
N ASN A 26 2.16 -17.62 4.79
CA ASN A 26 2.14 -18.68 5.80
C ASN A 26 2.37 -18.13 7.20
N PHE A 27 1.48 -18.49 8.12
CA PHE A 27 1.59 -18.01 9.50
C PHE A 27 1.79 -19.14 10.50
N HIS A 28 2.51 -18.84 11.57
CA HIS A 28 2.79 -19.83 12.60
C HIS A 28 1.50 -20.32 13.25
N LYS A 29 1.44 -21.63 13.48
CA LYS A 29 0.27 -22.27 14.08
C LYS A 29 -0.23 -21.60 15.36
N SER A 30 0.69 -21.24 16.24
CA SER A 30 0.32 -20.62 17.51
C SER A 30 -0.45 -19.31 17.35
N THR A 31 -0.28 -18.65 16.21
CA THR A 31 -0.97 -17.40 15.96
C THR A 31 -2.44 -17.71 15.67
N GLY A 32 -2.70 -18.96 15.31
CA GLY A 32 -4.06 -19.38 15.00
C GLY A 32 -4.52 -18.81 13.67
N MET A 33 -3.58 -18.21 12.94
CA MET A 33 -3.86 -17.61 11.65
C MET A 33 -3.80 -18.63 10.52
N THR A 34 -4.70 -18.51 9.55
CA THR A 34 -4.72 -19.42 8.41
C THR A 34 -3.87 -18.80 7.29
N SER A 35 -3.56 -19.59 6.28
CA SER A 35 -2.75 -19.12 5.16
C SER A 35 -3.54 -18.18 4.25
N ARG A 36 -2.82 -17.38 3.46
CA ARG A 36 -3.44 -16.43 2.55
C ARG A 36 -3.19 -16.84 1.10
N SER A 37 -3.99 -17.80 0.62
CA SER A 37 -3.85 -18.30 -0.73
C SER A 37 -4.07 -17.24 -1.80
N GLY A 38 -3.26 -17.29 -2.85
CA GLY A 38 -3.37 -16.35 -3.95
C GLY A 38 -2.62 -15.04 -3.75
N THR A 39 -2.01 -14.85 -2.59
CA THR A 39 -1.29 -13.62 -2.32
C THR A 39 -0.06 -13.46 -3.23
N ASP A 40 0.45 -14.56 -3.75
CA ASP A 40 1.61 -14.50 -4.65
C ASP A 40 1.21 -13.80 -5.94
N VAL A 41 -0.07 -13.92 -6.32
CA VAL A 41 -0.56 -13.29 -7.53
C VAL A 41 -0.40 -11.78 -7.35
N ASP A 42 -0.78 -11.28 -6.17
CA ASP A 42 -0.65 -9.86 -5.86
C ASP A 42 0.81 -9.44 -5.90
N ALA A 43 1.67 -10.23 -5.25
CA ALA A 43 3.10 -9.91 -5.19
C ALA A 43 3.71 -9.75 -6.57
N ALA A 44 3.38 -10.67 -7.48
CA ALA A 44 3.90 -10.65 -8.83
C ALA A 44 3.33 -9.48 -9.63
N ASN A 45 2.04 -9.22 -9.45
CA ASN A 45 1.37 -8.13 -10.15
C ASN A 45 2.02 -6.80 -9.75
N LEU A 46 2.26 -6.63 -8.46
CA LEU A 46 2.88 -5.42 -7.95
C LEU A 46 4.31 -5.24 -8.44
N ARG A 47 5.06 -6.34 -8.45
CA ARG A 47 6.45 -6.30 -8.90
C ARG A 47 6.52 -5.79 -10.35
N GLU A 48 5.68 -6.35 -11.22
CA GLU A 48 5.67 -5.94 -12.62
C GLU A 48 5.15 -4.51 -12.79
N THR A 49 4.08 -4.18 -12.08
CA THR A 49 3.51 -2.84 -12.17
C THR A 49 4.48 -1.75 -11.76
N PHE A 50 5.16 -1.94 -10.63
CA PHE A 50 6.10 -0.93 -10.20
C PHE A 50 7.42 -0.96 -10.97
N ARG A 51 7.74 -2.10 -11.57
CA ARG A 51 8.94 -2.21 -12.39
C ARG A 51 8.75 -1.28 -13.58
N ASN A 52 7.54 -1.28 -14.15
CA ASN A 52 7.24 -0.44 -15.29
C ASN A 52 7.18 1.05 -14.96
N LEU A 53 7.08 1.37 -13.67
CA LEU A 53 7.06 2.75 -13.22
C LEU A 53 8.49 3.15 -12.85
N LYS A 54 9.42 2.23 -13.08
CA LYS A 54 10.85 2.43 -12.83
C LYS A 54 11.28 2.42 -11.36
N TYR A 55 10.55 1.67 -10.53
CA TYR A 55 10.92 1.56 -9.13
C TYR A 55 11.84 0.36 -8.94
N GLU A 56 12.75 0.47 -7.97
CA GLU A 56 13.67 -0.61 -7.65
C GLU A 56 12.86 -1.49 -6.70
N VAL A 57 12.29 -2.56 -7.23
CA VAL A 57 11.47 -3.46 -6.43
C VAL A 57 12.24 -4.52 -5.66
N ARG A 58 11.84 -4.71 -4.40
CA ARG A 58 12.44 -5.71 -3.53
C ARG A 58 11.30 -6.50 -2.90
N ASN A 59 11.17 -7.76 -3.29
CA ASN A 59 10.13 -8.62 -2.75
C ASN A 59 10.66 -9.42 -1.57
N LYS A 60 9.85 -9.50 -0.52
CA LYS A 60 10.20 -10.26 0.68
C LYS A 60 8.99 -11.13 1.00
N ASN A 61 9.25 -12.38 1.38
CA ASN A 61 8.16 -13.31 1.66
C ASN A 61 8.22 -13.93 3.05
N ASP A 62 7.05 -14.08 3.66
CA ASP A 62 6.91 -14.68 4.98
C ASP A 62 7.90 -14.16 6.02
N LEU A 63 7.77 -12.87 6.35
CA LEU A 63 8.65 -12.26 7.34
C LEU A 63 8.00 -12.22 8.72
N THR A 64 8.80 -12.52 9.74
CA THR A 64 8.32 -12.50 11.12
C THR A 64 8.17 -11.03 11.50
N ARG A 65 7.54 -10.76 12.64
CA ARG A 65 7.37 -9.39 13.09
C ARG A 65 8.74 -8.74 13.31
N GLU A 66 9.69 -9.53 13.80
CA GLU A 66 11.04 -9.02 14.04
C GLU A 66 11.72 -8.65 12.74
N GLU A 67 11.54 -9.49 11.71
CA GLU A 67 12.15 -9.26 10.42
C GLU A 67 11.55 -8.05 9.72
N ILE A 68 10.25 -7.83 9.90
CA ILE A 68 9.60 -6.68 9.27
C ILE A 68 10.18 -5.39 9.84
N VAL A 69 10.30 -5.34 11.17
CA VAL A 69 10.84 -4.15 11.82
C VAL A 69 12.30 -3.92 11.45
N GLU A 70 13.08 -5.00 11.40
CA GLU A 70 14.49 -4.90 11.05
C GLU A 70 14.63 -4.38 9.63
N LEU A 71 13.82 -4.93 8.72
CA LEU A 71 13.84 -4.53 7.32
C LEU A 71 13.52 -3.05 7.15
N MET A 72 12.42 -2.62 7.77
CA MET A 72 12.00 -1.22 7.67
C MET A 72 13.07 -0.29 8.24
N ARG A 73 13.64 -0.66 9.37
CA ARG A 73 14.69 0.14 9.99
C ARG A 73 15.88 0.28 9.04
N ASP A 74 16.36 -0.85 8.53
CA ASP A 74 17.49 -0.84 7.62
C ASP A 74 17.22 -0.01 6.36
N VAL A 75 16.02 -0.14 5.81
CA VAL A 75 15.66 0.59 4.61
C VAL A 75 15.62 2.09 4.89
N SER A 76 15.10 2.47 6.05
CA SER A 76 15.03 3.89 6.39
C SER A 76 16.42 4.47 6.64
N LYS A 77 17.39 3.60 6.87
CA LYS A 77 18.77 4.05 7.12
C LYS A 77 19.60 4.17 5.84
N GLU A 78 19.04 3.74 4.72
CA GLU A 78 19.73 3.84 3.45
C GLU A 78 19.76 5.31 3.02
N ASP A 79 20.63 5.64 2.07
CA ASP A 79 20.71 7.00 1.58
C ASP A 79 19.79 7.12 0.37
N HIS A 80 18.66 7.80 0.56
CA HIS A 80 17.66 7.98 -0.49
C HIS A 80 17.84 9.31 -1.23
N SER A 81 18.98 9.96 -1.05
CA SER A 81 19.24 11.26 -1.68
C SER A 81 18.92 11.35 -3.17
N LYS A 82 19.26 10.32 -3.92
CA LYS A 82 19.02 10.32 -5.36
C LYS A 82 17.70 9.69 -5.77
N ARG A 83 16.83 9.42 -4.80
CA ARG A 83 15.53 8.81 -5.06
C ARG A 83 14.39 9.82 -4.89
N SER A 84 13.42 9.77 -5.79
CA SER A 84 12.29 10.69 -5.77
C SER A 84 11.24 10.38 -4.71
N SER A 85 11.06 9.09 -4.42
CA SER A 85 10.03 8.68 -3.48
C SER A 85 10.35 7.35 -2.84
N PHE A 86 9.41 6.86 -2.05
CA PHE A 86 9.54 5.57 -1.39
C PHE A 86 8.18 4.91 -1.38
N VAL A 87 8.16 3.61 -1.68
CA VAL A 87 6.93 2.84 -1.69
C VAL A 87 7.10 1.54 -0.92
N CYS A 88 6.12 1.24 -0.09
CA CYS A 88 6.11 0.01 0.69
C CYS A 88 4.73 -0.60 0.58
N VAL A 89 4.67 -1.87 0.17
CA VAL A 89 3.39 -2.55 0.03
C VAL A 89 3.36 -3.70 1.03
N LEU A 90 2.29 -3.75 1.81
CA LEU A 90 2.15 -4.78 2.82
C LEU A 90 0.96 -5.67 2.48
N LEU A 91 1.23 -6.97 2.34
CA LEU A 91 0.22 -7.96 2.01
C LEU A 91 0.19 -8.97 3.16
N SER A 92 -0.85 -8.93 3.97
CA SER A 92 -0.94 -9.87 5.09
C SER A 92 -2.28 -9.78 5.81
N HIS A 93 -2.38 -10.51 6.91
CA HIS A 93 -3.58 -10.47 7.73
C HIS A 93 -3.43 -9.17 8.51
N GLY A 94 -4.51 -8.66 9.07
CA GLY A 94 -4.40 -7.44 9.84
C GLY A 94 -5.62 -7.09 10.65
N GLU A 95 -5.48 -6.01 11.41
CA GLU A 95 -6.54 -5.45 12.25
C GLU A 95 -6.37 -3.96 12.11
N GLU A 96 -7.27 -3.17 12.69
CA GLU A 96 -7.13 -1.74 12.59
C GLU A 96 -5.77 -1.31 13.17
N GLY A 97 -4.96 -0.68 12.31
CA GLY A 97 -3.66 -0.19 12.70
C GLY A 97 -2.56 -1.23 12.87
N ILE A 98 -2.87 -2.47 12.49
CA ILE A 98 -1.91 -3.56 12.63
C ILE A 98 -1.77 -4.42 11.39
N ILE A 99 -0.54 -4.84 11.12
CA ILE A 99 -0.23 -5.72 9.99
C ILE A 99 0.44 -6.91 10.65
N PHE A 100 0.16 -8.12 10.19
CA PHE A 100 0.78 -9.27 10.82
C PHE A 100 2.02 -9.87 10.22
N GLY A 101 2.99 -10.14 11.08
CA GLY A 101 4.20 -10.80 10.67
C GLY A 101 3.76 -12.24 10.74
N THR A 102 4.58 -13.17 10.28
CA THR A 102 4.19 -14.58 10.31
C THR A 102 4.01 -15.14 11.72
N ASN A 103 4.62 -14.47 12.70
CA ASN A 103 4.58 -14.94 14.08
C ASN A 103 3.96 -13.96 15.07
N GLY A 104 3.37 -12.88 14.57
CA GLY A 104 2.78 -11.92 15.48
C GLY A 104 2.55 -10.59 14.81
N PRO A 105 1.90 -9.65 15.50
CA PRO A 105 1.59 -8.31 14.99
C PRO A 105 2.70 -7.28 14.99
N VAL A 106 2.52 -6.29 14.12
CA VAL A 106 3.43 -5.16 14.00
C VAL A 106 2.53 -3.95 13.85
N ASP A 107 2.67 -2.98 14.74
CA ASP A 107 1.87 -1.76 14.66
C ASP A 107 2.32 -1.00 13.42
N LEU A 108 1.38 -0.58 12.59
CA LEU A 108 1.74 0.16 11.39
C LEU A 108 2.51 1.43 11.74
N LYS A 109 2.19 2.05 12.88
CA LYS A 109 2.89 3.25 13.29
C LYS A 109 4.39 2.99 13.50
N LYS A 110 4.73 1.80 14.00
CA LYS A 110 6.13 1.47 14.23
C LYS A 110 6.88 1.43 12.90
N ILE A 111 6.23 0.90 11.88
CA ILE A 111 6.80 0.80 10.56
C ILE A 111 6.98 2.17 9.90
N THR A 112 5.91 2.96 9.90
CA THR A 112 5.96 4.27 9.27
C THR A 112 6.81 5.30 10.02
N ASN A 113 6.95 5.13 11.33
CA ASN A 113 7.74 6.08 12.12
C ASN A 113 9.19 6.16 11.66
N PHE A 114 9.73 5.04 11.15
CA PHE A 114 11.12 5.04 10.68
C PHE A 114 11.31 6.03 9.55
N PHE A 115 10.23 6.35 8.85
CA PHE A 115 10.29 7.26 7.71
C PHE A 115 9.83 8.68 7.97
N ARG A 116 9.59 9.03 9.24
CA ARG A 116 9.16 10.37 9.58
C ARG A 116 10.17 11.38 9.03
N GLY A 117 9.69 12.58 8.73
CA GLY A 117 10.57 13.61 8.19
C GLY A 117 11.82 13.89 9.00
N ASP A 118 11.75 13.65 10.30
CA ASP A 118 12.90 13.90 11.17
C ASP A 118 13.78 12.67 11.40
N ARG A 119 13.29 11.49 11.00
CA ARG A 119 14.05 10.27 11.20
C ARG A 119 14.69 9.70 9.93
N CYS A 120 14.20 10.11 8.76
CA CYS A 120 14.77 9.68 7.49
C CYS A 120 14.96 10.96 6.68
N ARG A 121 16.06 11.64 6.94
CA ARG A 121 16.34 12.91 6.28
C ARG A 121 16.44 12.89 4.76
N SER A 122 16.90 11.79 4.18
CA SER A 122 17.02 11.72 2.73
C SER A 122 15.67 11.54 2.04
N LEU A 123 14.60 11.41 2.83
CA LEU A 123 13.26 11.29 2.26
C LEU A 123 12.40 12.47 2.69
N THR A 124 12.97 13.38 3.47
CA THR A 124 12.22 14.55 3.92
C THR A 124 11.77 15.35 2.70
N GLY A 125 10.50 15.71 2.66
CA GLY A 125 9.95 16.46 1.55
C GLY A 125 9.59 15.63 0.34
N LYS A 126 9.81 14.32 0.43
CA LYS A 126 9.50 13.40 -0.67
C LYS A 126 8.32 12.52 -0.28
N PRO A 127 7.50 12.13 -1.27
CA PRO A 127 6.34 11.27 -0.99
C PRO A 127 6.71 9.87 -0.52
N LYS A 128 6.10 9.46 0.58
CA LYS A 128 6.31 8.15 1.18
C LYS A 128 4.96 7.45 1.11
N LEU A 129 4.89 6.46 0.23
CA LEU A 129 3.65 5.73 -0.01
C LEU A 129 3.56 4.36 0.62
N PHE A 130 2.53 4.14 1.42
CA PHE A 130 2.31 2.85 2.05
C PHE A 130 0.99 2.29 1.54
N ILE A 131 1.09 1.16 0.85
CA ILE A 131 -0.06 0.48 0.27
C ILE A 131 -0.35 -0.72 1.15
N ILE A 132 -1.52 -0.71 1.77
CA ILE A 132 -1.87 -1.78 2.72
C ILE A 132 -3.03 -2.70 2.34
N GLN A 133 -2.70 -3.94 2.02
CA GLN A 133 -3.71 -4.95 1.69
C GLN A 133 -3.81 -5.86 2.90
N ALA A 134 -4.74 -5.53 3.79
CA ALA A 134 -4.95 -6.28 5.02
C ALA A 134 -6.24 -5.80 5.67
N CYS A 135 -6.87 -6.68 6.45
CA CYS A 135 -8.11 -6.32 7.11
C CYS A 135 -7.83 -5.22 8.13
N ARG A 136 -8.84 -4.40 8.39
CA ARG A 136 -8.73 -3.32 9.37
C ARG A 136 -9.82 -3.53 10.39
N GLY A 137 -10.27 -4.78 10.48
CA GLY A 137 -11.35 -5.10 11.40
C GLY A 137 -12.15 -6.26 10.84
N THR A 138 -13.29 -6.53 11.46
CA THR A 138 -14.15 -7.64 11.10
C THR A 138 -15.44 -7.28 10.37
N GLU A 139 -15.75 -5.99 10.31
CA GLU A 139 -16.99 -5.54 9.68
C GLU A 139 -17.12 -5.92 8.20
N LEU A 140 -18.35 -6.24 7.81
CA LEU A 140 -18.65 -6.62 6.43
C LEU A 140 -19.66 -5.61 5.89
N ASP A 141 -19.42 -5.14 4.67
CA ASP A 141 -20.27 -4.15 4.02
C ASP A 141 -21.34 -4.88 3.19
N CYS A 142 -22.60 -4.76 3.60
CA CYS A 142 -23.70 -5.42 2.90
C CYS A 142 -24.05 -4.79 1.56
N GLY A 143 -23.59 -3.57 1.35
CA GLY A 143 -23.86 -2.87 0.10
C GLY A 143 -25.30 -2.45 -0.05
N ILE A 144 -25.59 -1.76 -1.15
CA ILE A 144 -26.94 -1.29 -1.44
C ILE A 144 -27.14 -1.33 -2.95
N GLU A 145 -28.27 -1.88 -3.39
CA GLU A 145 -28.55 -1.97 -4.81
C GLU A 145 -28.76 -0.58 -5.41
N THR A 146 -28.18 -0.35 -6.58
CA THR A 146 -28.30 0.94 -7.27
C THR A 146 -29.11 0.79 -8.55
N HIS B 1 9.77 27.43 8.44
CA HIS B 1 11.16 26.91 8.54
C HIS B 1 11.17 25.42 8.84
N LYS B 2 9.99 24.87 9.17
CA LYS B 2 9.85 23.45 9.45
C LYS B 2 8.60 22.90 8.79
N ILE B 3 8.55 21.58 8.67
CA ILE B 3 7.36 20.91 8.13
C ILE B 3 7.05 19.82 9.15
N PRO B 4 5.80 19.34 9.17
CA PRO B 4 5.41 18.29 10.11
C PRO B 4 6.17 17.00 9.81
N VAL B 5 6.52 16.25 10.84
CA VAL B 5 7.23 14.99 10.64
C VAL B 5 6.29 13.95 10.01
N GLU B 6 4.99 14.20 10.11
CA GLU B 6 3.99 13.28 9.55
C GLU B 6 3.58 13.69 8.14
N ALA B 7 4.12 14.80 7.64
CA ALA B 7 3.78 15.25 6.30
C ALA B 7 4.42 14.40 5.22
N ASP B 8 3.80 14.43 4.04
CA ASP B 8 4.27 13.71 2.85
C ASP B 8 4.14 12.19 2.88
N PHE B 9 3.15 11.72 3.61
CA PHE B 9 2.84 10.29 3.69
C PHE B 9 1.51 10.10 3.00
N LEU B 10 1.35 8.96 2.32
CA LEU B 10 0.12 8.60 1.65
C LEU B 10 -0.12 7.15 2.02
N TYR B 11 -1.29 6.86 2.59
CA TYR B 11 -1.61 5.49 2.96
C TYR B 11 -2.79 5.05 2.10
N ALA B 12 -2.52 4.10 1.21
CA ALA B 12 -3.57 3.58 0.34
C ALA B 12 -4.06 2.28 0.95
N TYR B 13 -5.11 2.37 1.75
CA TYR B 13 -5.71 1.21 2.42
C TYR B 13 -6.65 0.49 1.47
N SER B 14 -6.64 -0.83 1.54
CA SER B 14 -7.50 -1.65 0.69
C SER B 14 -8.96 -1.57 1.10
N THR B 15 -9.21 -1.19 2.35
CA THR B 15 -10.58 -1.15 2.86
C THR B 15 -10.81 -0.05 3.89
N ALA B 16 -12.08 0.24 4.16
CA ALA B 16 -12.45 1.27 5.12
C ALA B 16 -12.08 0.88 6.55
N PRO B 17 -11.90 1.87 7.43
CA PRO B 17 -11.55 1.57 8.83
C PRO B 17 -12.54 0.61 9.46
N GLY B 18 -12.02 -0.42 10.14
CA GLY B 18 -12.85 -1.39 10.82
C GLY B 18 -13.40 -2.52 9.94
N TYR B 19 -13.12 -2.45 8.64
CA TYR B 19 -13.63 -3.46 7.73
C TYR B 19 -12.70 -4.57 7.25
N TYR B 20 -13.35 -5.66 6.84
CA TYR B 20 -12.71 -6.84 6.30
C TYR B 20 -12.13 -6.43 4.94
N SER B 21 -11.11 -7.14 4.47
CA SER B 21 -10.52 -6.87 3.16
C SER B 21 -10.59 -8.16 2.35
N TRP B 22 -11.27 -8.10 1.22
CA TRP B 22 -11.47 -9.27 0.37
C TRP B 22 -10.38 -9.66 -0.61
N ARG B 23 -10.21 -10.97 -0.77
CA ARG B 23 -9.21 -11.51 -1.69
C ARG B 23 -9.78 -12.70 -2.43
N ASN B 24 -9.29 -12.92 -3.64
CA ASN B 24 -9.73 -14.05 -4.46
C ASN B 24 -8.49 -14.93 -4.62
N SER B 25 -8.58 -16.17 -4.13
CA SER B 25 -7.47 -17.11 -4.18
C SER B 25 -6.85 -17.27 -5.57
N LYS B 26 -7.62 -16.97 -6.62
CA LYS B 26 -7.13 -17.12 -7.99
C LYS B 26 -6.67 -15.84 -8.66
N ASP B 27 -7.42 -14.76 -8.49
CA ASP B 27 -7.09 -13.49 -9.13
C ASP B 27 -6.34 -12.51 -8.22
N GLY B 28 -6.23 -12.85 -6.94
CA GLY B 28 -5.56 -11.98 -6.01
C GLY B 28 -6.57 -11.13 -5.26
N SER B 29 -6.10 -10.19 -4.44
CA SER B 29 -7.02 -9.35 -3.69
C SER B 29 -7.73 -8.36 -4.61
N TRP B 30 -8.95 -8.01 -4.25
CA TRP B 30 -9.73 -7.06 -5.06
C TRP B 30 -8.98 -5.75 -5.22
N PHE B 31 -8.44 -5.25 -4.13
CA PHE B 31 -7.72 -3.99 -4.12
C PHE B 31 -6.44 -3.99 -4.96
N ILE B 32 -5.58 -4.97 -4.75
CA ILE B 32 -4.33 -4.99 -5.51
C ILE B 32 -4.59 -5.21 -7.00
N GLN B 33 -5.57 -6.06 -7.33
CA GLN B 33 -5.92 -6.31 -8.73
C GLN B 33 -6.26 -4.96 -9.38
N SER B 34 -7.14 -4.23 -8.71
CA SER B 34 -7.60 -2.93 -9.20
C SER B 34 -6.52 -1.86 -9.23
N LEU B 35 -5.71 -1.81 -8.17
CA LEU B 35 -4.63 -0.82 -8.10
C LEU B 35 -3.65 -1.01 -9.26
N CYS B 36 -3.22 -2.24 -9.48
CA CYS B 36 -2.27 -2.50 -10.56
C CYS B 36 -2.89 -2.19 -11.92
N ALA B 37 -4.15 -2.54 -12.10
CA ALA B 37 -4.83 -2.27 -13.37
C ALA B 37 -4.91 -0.77 -13.65
N MET B 38 -5.25 0.01 -12.62
CA MET B 38 -5.36 1.45 -12.81
C MET B 38 -4.00 2.12 -12.98
N LEU B 39 -2.97 1.60 -12.33
CA LEU B 39 -1.65 2.19 -12.48
C LEU B 39 -1.16 1.91 -13.90
N LYS B 40 -1.38 0.69 -14.38
CA LYS B 40 -0.96 0.31 -15.72
C LYS B 40 -1.64 1.17 -16.77
N GLN B 41 -2.92 1.47 -16.56
CA GLN B 41 -3.67 2.27 -17.51
C GLN B 41 -3.53 3.78 -17.39
N TYR B 42 -3.35 4.27 -16.17
CA TYR B 42 -3.30 5.72 -15.96
C TYR B 42 -2.05 6.38 -15.37
N ALA B 43 -1.03 5.61 -15.00
CA ALA B 43 0.16 6.21 -14.40
C ALA B 43 0.87 7.27 -15.26
N ASP B 44 0.73 7.18 -16.58
CA ASP B 44 1.37 8.18 -17.43
C ASP B 44 0.35 9.21 -17.89
N LYS B 45 -0.80 9.26 -17.22
CA LYS B 45 -1.87 10.18 -17.60
C LYS B 45 -2.54 10.98 -16.48
N LEU B 46 -2.66 10.38 -15.30
CA LEU B 46 -3.35 11.02 -14.18
C LEU B 46 -2.54 11.20 -12.91
N GLU B 47 -2.92 12.20 -12.12
CA GLU B 47 -2.29 12.48 -10.84
C GLU B 47 -2.68 11.30 -9.94
N PHE B 48 -1.80 10.94 -9.01
CA PHE B 48 -2.03 9.78 -8.15
C PHE B 48 -3.36 9.70 -7.40
N MET B 49 -3.83 10.81 -6.83
CA MET B 49 -5.10 10.76 -6.10
C MET B 49 -6.23 10.40 -7.06
N HIS B 50 -6.14 10.85 -8.30
CA HIS B 50 -7.18 10.55 -9.27
C HIS B 50 -7.10 9.09 -9.71
N ILE B 51 -5.89 8.53 -9.73
CA ILE B 51 -5.74 7.13 -10.09
C ILE B 51 -6.38 6.30 -8.98
N LEU B 52 -6.09 6.66 -7.73
CA LEU B 52 -6.64 5.94 -6.59
C LEU B 52 -8.16 6.07 -6.50
N THR B 53 -8.71 7.17 -7.03
CA THR B 53 -10.15 7.34 -7.00
C THR B 53 -10.76 6.34 -7.99
N ARG B 54 -10.06 6.10 -9.10
CA ARG B 54 -10.52 5.13 -10.10
C ARG B 54 -10.46 3.75 -9.47
N VAL B 55 -9.46 3.52 -8.62
CA VAL B 55 -9.32 2.23 -7.95
C VAL B 55 -10.52 2.06 -7.01
N ASN B 56 -10.87 3.13 -6.30
CA ASN B 56 -12.02 3.07 -5.40
C ASN B 56 -13.27 2.66 -6.16
N ARG B 57 -13.51 3.30 -7.30
CA ARG B 57 -14.69 2.98 -8.10
C ARG B 57 -14.68 1.56 -8.63
N LYS B 58 -13.52 1.10 -9.08
CA LYS B 58 -13.41 -0.25 -9.63
C LYS B 58 -13.71 -1.31 -8.57
N VAL B 59 -13.12 -1.17 -7.39
CA VAL B 59 -13.36 -2.12 -6.30
C VAL B 59 -14.81 -2.07 -5.83
N ALA B 60 -15.34 -0.86 -5.72
CA ALA B 60 -16.71 -0.66 -5.26
C ALA B 60 -17.79 -1.18 -6.20
N THR B 61 -17.54 -1.10 -7.51
CA THR B 61 -18.55 -1.51 -8.47
C THR B 61 -18.41 -2.89 -9.12
N GLU B 62 -17.18 -3.33 -9.34
CA GLU B 62 -16.95 -4.60 -10.03
C GLU B 62 -16.78 -5.85 -9.19
N PHE B 63 -16.72 -5.70 -7.87
CA PHE B 63 -16.52 -6.84 -6.99
C PHE B 63 -17.63 -7.05 -5.96
N GLU B 64 -17.93 -8.32 -5.71
CA GLU B 64 -18.91 -8.71 -4.72
C GLU B 64 -18.58 -10.13 -4.32
N SER B 65 -18.62 -10.41 -3.02
CA SER B 65 -18.26 -11.74 -2.55
C SER B 65 -19.33 -12.79 -2.82
N PHE B 66 -18.87 -14.02 -2.97
CA PHE B 66 -19.74 -15.17 -3.17
C PHE B 66 -19.29 -16.19 -2.15
N SER B 67 -20.20 -16.63 -1.29
CA SER B 67 -19.85 -17.60 -0.26
C SER B 67 -21.01 -18.52 0.07
N PHE B 68 -20.69 -19.77 0.40
CA PHE B 68 -21.70 -20.73 0.79
C PHE B 68 -22.18 -20.35 2.18
N ASP B 69 -21.35 -19.56 2.87
CA ASP B 69 -21.65 -19.08 4.21
C ASP B 69 -22.39 -17.75 4.06
N ALA B 70 -23.67 -17.74 4.45
CA ALA B 70 -24.49 -16.53 4.34
C ALA B 70 -23.85 -15.32 5.00
N THR B 71 -23.10 -15.55 6.07
CA THR B 71 -22.44 -14.47 6.79
C THR B 71 -21.50 -13.67 5.91
N PHE B 72 -20.80 -14.36 5.03
CA PHE B 72 -19.82 -13.71 4.16
C PHE B 72 -20.24 -13.58 2.70
N HIS B 73 -21.52 -13.81 2.43
CA HIS B 73 -22.01 -13.75 1.06
C HIS B 73 -22.55 -12.39 0.63
N ALA B 74 -22.30 -12.06 -0.63
CA ALA B 74 -22.77 -10.83 -1.25
C ALA B 74 -22.29 -9.56 -0.58
N LYS B 75 -21.04 -9.56 -0.13
CA LYS B 75 -20.47 -8.40 0.54
C LYS B 75 -19.70 -7.52 -0.44
N LYS B 76 -19.56 -6.26 -0.07
CA LYS B 76 -18.89 -5.26 -0.90
C LYS B 76 -17.69 -4.64 -0.19
N GLN B 77 -16.93 -3.85 -0.93
CA GLN B 77 -15.75 -3.23 -0.34
C GLN B 77 -15.41 -1.89 -0.98
N ILE B 78 -14.99 -0.95 -0.14
CA ILE B 78 -14.56 0.35 -0.63
C ILE B 78 -13.18 0.61 -0.02
N PRO B 79 -12.20 0.93 -0.88
CA PRO B 79 -10.85 1.20 -0.38
C PRO B 79 -10.87 2.54 0.36
N CYS B 80 -9.76 2.87 0.98
CA CYS B 80 -9.68 4.10 1.76
C CYS B 80 -8.36 4.82 1.51
N ILE B 81 -8.44 5.97 0.84
CA ILE B 81 -7.26 6.78 0.53
C ILE B 81 -7.00 7.75 1.68
N VAL B 82 -5.83 7.66 2.29
CA VAL B 82 -5.50 8.56 3.40
C VAL B 82 -4.28 9.37 3.01
N SER B 83 -4.50 10.64 2.67
CA SER B 83 -3.39 11.48 2.25
C SER B 83 -2.94 12.62 3.15
N MET B 84 -1.64 12.59 3.44
CA MET B 84 -0.98 13.63 4.22
C MET B 84 0.04 14.26 3.26
N LEU B 85 -0.19 14.08 1.96
CA LEU B 85 0.71 14.66 0.96
C LEU B 85 0.50 16.17 0.90
N THR B 86 1.55 16.88 0.48
CA THR B 86 1.48 18.33 0.39
C THR B 86 1.56 18.83 -1.05
N LYS B 87 1.71 17.92 -2.00
CA LYS B 87 1.80 18.28 -3.41
C LYS B 87 1.15 17.19 -4.26
N GLU B 88 0.90 17.51 -5.53
CA GLU B 88 0.32 16.55 -6.44
C GLU B 88 1.44 15.59 -6.81
N LEU B 89 1.08 14.35 -7.11
CA LEU B 89 2.08 13.33 -7.44
C LEU B 89 1.81 12.68 -8.79
N TYR B 90 2.79 12.82 -9.69
CA TYR B 90 2.72 12.24 -11.02
C TYR B 90 3.93 11.31 -11.12
N PHE B 91 3.72 10.10 -11.61
CA PHE B 91 4.82 9.15 -11.74
C PHE B 91 5.71 9.47 -12.93
N TYR B 92 5.22 10.35 -13.80
CA TYR B 92 5.97 10.76 -14.97
C TYR B 92 6.41 12.21 -14.81
N HIS B 93 7.30 12.66 -15.69
CA HIS B 93 7.77 14.04 -15.65
C HIS B 93 8.04 14.54 -17.07
C1 TQ8 C . -8.95 -11.67 9.53
N2 TQ8 C . -10.39 -11.56 9.77
C3 TQ8 C . -8.57 -13.13 9.30
C4 TQ8 C . -8.54 -10.85 8.32
O5 TQ8 C . -7.35 -10.74 8.02
C6 TQ8 C . -7.48 -13.55 10.28
C7 TQ8 C . -7.60 -14.79 10.97
C8 TQ8 C . -6.34 -12.72 10.53
C9 TQ8 C . -6.60 -15.19 11.89
C10 TQ8 C . -5.35 -13.13 11.44
C11 TQ8 C . -5.48 -14.36 12.12
S12 TQ8 C . -11.19 -10.54 10.79
O13 TQ8 C . -12.61 -10.86 10.70
O14 TQ8 C . -10.85 -9.17 10.44
C15 TQ8 C . -9.51 -11.71 14.94
C16 TQ8 C . -10.06 -12.71 14.07
C17 TQ8 C . -10.57 -12.35 12.79
C18 TQ8 C . -10.55 -10.99 12.37
C19 TQ8 C . -10.00 -10.00 13.24
C20 TQ8 C . -9.50 -10.36 14.52
C21 TQ8 C . -8.98 -12.13 16.31
C22 TQ8 C . -9.59 -10.28 7.44
#